data_8AB1
#
_entry.id   8AB1
#
_cell.length_a   117.899
_cell.length_b   117.899
_cell.length_c   110.002
_cell.angle_alpha   90.00
_cell.angle_beta   90.00
_cell.angle_gamma   120.00
#
_symmetry.space_group_name_H-M   'P 63 2 2'
#
loop_
_entity.id
_entity.type
_entity.pdbx_description
1 polymer 'Type II secretion system protein M'
2 polymer 'Type II secretion system protein M'
3 polymer 'Type II secretion system protein L'
4 water water
#
loop_
_entity_poly.entity_id
_entity_poly.type
_entity_poly.pdbx_seq_one_letter_code
_entity_poly.pdbx_strand_id
1 'polypeptide(L)' EPSTVIMREAARHGLTIVRLQPQGSRLSLTVQPADFQALMAWLDALGQAGMTTATLAVTAVAQQPGWVTVNTLVLER B,D
2 'polypeptide(L)' TVIMREAARHGLTIVRLQPQGSRLSLTVQPADFQALMAWLDALGQAGMTTATLAVTAVAQQPGWVTVNTLVLER C
3 'polypeptide(L)' PALISRLGALQQIIDDTPGIRLRTLSFDAARNALQLEISAVSSQALEQFSQRARARFRVQTGEMKPRADGIEGRLTLEGA E
#
# COMPACT_ATOMS: atom_id res chain seq x y z
N GLU A 1 6.08 -17.34 21.37
CA GLU A 1 4.90 -17.60 20.50
C GLU A 1 5.23 -18.62 19.40
N PRO A 2 4.74 -19.88 19.49
CA PRO A 2 5.28 -20.98 18.69
C PRO A 2 5.15 -20.83 17.16
N SER A 3 3.95 -20.50 16.68
CA SER A 3 3.71 -20.36 15.24
C SER A 3 4.59 -19.26 14.66
N THR A 4 4.80 -18.17 15.39
CA THR A 4 5.56 -17.04 14.86
C THR A 4 7.03 -17.39 14.64
N VAL A 5 7.63 -18.09 15.62
CA VAL A 5 9.04 -18.49 15.52
C VAL A 5 9.27 -19.51 14.39
N ILE A 6 8.29 -20.41 14.22
CA ILE A 6 8.34 -21.40 13.15
C ILE A 6 8.41 -20.71 11.80
N MET A 7 7.48 -19.76 11.59
CA MET A 7 7.31 -19.08 10.31
C MET A 7 8.45 -18.13 9.97
N ARG A 8 8.94 -17.41 10.97
CA ARG A 8 10.07 -16.46 10.83
C ARG A 8 11.32 -17.23 10.39
N GLU A 9 11.61 -18.35 11.07
CA GLU A 9 12.77 -19.17 10.75
C GLU A 9 12.62 -19.87 9.39
N ALA A 10 11.39 -20.28 9.07
CA ALA A 10 11.09 -20.88 7.77
C ALA A 10 11.53 -19.95 6.63
N ALA A 11 11.11 -18.68 6.73
CA ALA A 11 11.45 -17.66 5.77
C ALA A 11 12.96 -17.45 5.68
N ARG A 12 13.61 -17.43 6.85
CA ARG A 12 15.08 -17.25 6.99
C ARG A 12 15.84 -18.38 6.28
N HIS A 13 15.23 -19.55 6.07
CA HIS A 13 15.91 -20.69 5.46
C HIS A 13 15.37 -21.10 4.09
N GLY A 14 14.52 -20.24 3.51
CA GLY A 14 14.06 -20.41 2.15
C GLY A 14 12.96 -21.45 1.97
N LEU A 15 12.31 -21.80 3.09
CA LEU A 15 11.23 -22.76 3.09
C LEU A 15 9.88 -22.10 3.14
N THR A 16 8.86 -22.83 2.65
CA THR A 16 7.49 -22.38 2.57
C THR A 16 6.57 -23.34 3.33
N ILE A 17 5.86 -22.80 4.34
CA ILE A 17 4.88 -23.54 5.12
C ILE A 17 3.53 -23.35 4.46
N VAL A 18 2.78 -24.46 4.32
CA VAL A 18 1.45 -24.48 3.70
C VAL A 18 0.33 -24.63 4.72
N ARG A 19 0.56 -25.49 5.73
CA ARG A 19 -0.43 -25.85 6.78
C ARG A 19 0.27 -25.83 8.14
N LEU A 20 -0.44 -25.36 9.17
CA LEU A 20 0.08 -25.25 10.53
C LEU A 20 -1.09 -25.54 11.49
N GLN A 21 -1.35 -26.83 11.72
CA GLN A 21 -2.53 -27.30 12.44
C GLN A 21 -2.16 -28.01 13.74
N PRO A 22 -2.65 -27.53 14.90
CA PRO A 22 -2.35 -28.18 16.18
C PRO A 22 -3.12 -29.49 16.36
N GLN A 23 -2.60 -30.38 17.22
CA GLN A 23 -3.32 -31.58 17.64
C GLN A 23 -2.99 -31.89 19.09
N GLY A 24 -2.99 -30.82 19.90
CA GLY A 24 -2.74 -30.85 21.33
C GLY A 24 -1.28 -30.76 21.69
N SER A 25 -0.83 -29.57 22.11
CA SER A 25 0.54 -29.30 22.55
C SER A 25 1.62 -29.57 21.51
N ARG A 26 1.23 -30.07 20.33
CA ARG A 26 2.12 -30.36 19.18
C ARG A 26 1.48 -29.83 17.90
N LEU A 27 2.29 -29.38 16.93
CA LEU A 27 1.84 -28.80 15.68
C LEU A 27 2.25 -29.68 14.48
N SER A 28 1.26 -30.04 13.66
CA SER A 28 1.49 -30.76 12.41
C SER A 28 1.72 -29.78 11.27
N LEU A 29 2.92 -29.84 10.66
CA LEU A 29 3.28 -28.94 9.58
C LEU A 29 3.29 -29.62 8.22
N THR A 30 2.79 -28.90 7.21
CA THR A 30 2.92 -29.29 5.83
C THR A 30 3.84 -28.28 5.15
N VAL A 31 4.87 -28.79 4.47
CA VAL A 31 5.97 -27.99 3.90
C VAL A 31 6.19 -28.36 2.44
N GLN A 32 6.52 -27.36 1.62
CA GLN A 32 6.75 -27.57 0.19
C GLN A 32 8.07 -28.29 -0.05
N PRO A 33 8.22 -29.00 -1.19
CA PRO A 33 9.47 -29.69 -1.47
C PRO A 33 10.64 -28.75 -1.16
N ALA A 34 11.67 -29.26 -0.49
CA ALA A 34 12.77 -28.43 -0.02
C ALA A 34 14.11 -29.08 -0.20
N ASP A 35 15.12 -28.22 -0.31
CA ASP A 35 16.51 -28.56 -0.17
C ASP A 35 16.69 -29.11 1.22
N PHE A 36 17.20 -30.35 1.31
CA PHE A 36 17.33 -31.07 2.58
C PHE A 36 18.22 -30.34 3.58
N GLN A 37 19.33 -29.75 3.08
CA GLN A 37 20.25 -28.99 3.89
C GLN A 37 19.54 -27.83 4.59
N ALA A 38 18.73 -27.09 3.83
CA ALA A 38 17.95 -25.98 4.32
C ALA A 38 16.94 -26.42 5.38
N LEU A 39 16.27 -27.55 5.10
CA LEU A 39 15.33 -28.15 6.03
C LEU A 39 15.99 -28.43 7.38
N MET A 40 17.18 -29.04 7.34
CA MET A 40 17.88 -29.42 8.57
C MET A 40 18.33 -28.18 9.35
N ALA A 41 18.90 -27.21 8.63
CA ALA A 41 19.26 -25.91 9.21
C ALA A 41 18.06 -25.30 9.95
N TRP A 42 16.89 -25.38 9.31
CA TRP A 42 15.66 -24.83 9.85
C TRP A 42 15.26 -25.56 11.13
N LEU A 43 15.18 -26.89 11.08
CA LEU A 43 14.79 -27.69 12.25
C LEU A 43 15.80 -27.55 13.38
N ASP A 44 17.08 -27.43 13.02
CA ASP A 44 18.13 -27.24 14.00
C ASP A 44 17.94 -25.91 14.71
N ALA A 45 17.58 -24.87 13.95
CA ALA A 45 17.34 -23.54 14.47
C ALA A 45 16.17 -23.55 15.43
N LEU A 46 15.07 -24.18 15.02
CA LEU A 46 13.89 -24.36 15.86
C LEU A 46 14.21 -25.08 17.17
N GLY A 47 15.10 -26.09 17.10
CA GLY A 47 15.57 -26.83 18.25
C GLY A 47 16.19 -25.92 19.30
N GLN A 48 17.01 -24.97 18.81
CA GLN A 48 17.65 -23.97 19.65
C GLN A 48 16.64 -23.02 20.29
N ALA A 49 15.47 -22.84 19.65
CA ALA A 49 14.41 -21.96 20.13
C ALA A 49 13.35 -22.65 21.00
N GLY A 50 13.54 -23.95 21.28
CA GLY A 50 12.69 -24.70 22.18
C GLY A 50 11.50 -25.46 21.58
N MET A 51 11.51 -25.60 20.24
CA MET A 51 10.59 -26.45 19.51
C MET A 51 11.43 -27.62 18.98
N THR A 52 11.21 -28.82 19.51
CA THR A 52 11.90 -30.02 19.06
C THR A 52 11.08 -30.78 18.02
N THR A 53 11.81 -31.46 17.13
CA THR A 53 11.22 -32.29 16.10
C THR A 53 10.76 -33.61 16.74
N ALA A 54 9.45 -33.84 16.74
CA ALA A 54 8.84 -34.99 17.40
C ALA A 54 8.73 -36.14 16.43
N THR A 55 8.30 -35.80 15.19
CA THR A 55 8.29 -36.74 14.08
C THR A 55 8.82 -36.04 12.83
N LEU A 56 9.57 -36.79 12.02
CA LEU A 56 10.04 -36.33 10.72
C LEU A 56 10.18 -37.50 9.75
N ALA A 57 9.42 -37.45 8.64
CA ALA A 57 9.55 -38.40 7.55
C ALA A 57 9.70 -37.64 6.25
N VAL A 58 10.82 -37.91 5.56
CA VAL A 58 11.13 -37.30 4.28
C VAL A 58 11.53 -38.36 3.25
N THR A 59 11.21 -38.09 1.99
CA THR A 59 11.58 -38.91 0.84
C THR A 59 12.28 -38.03 -0.15
N ALA A 60 13.32 -38.56 -0.79
CA ALA A 60 13.98 -37.85 -1.87
C ALA A 60 13.06 -37.65 -3.05
N VAL A 61 13.14 -36.46 -3.65
CA VAL A 61 12.54 -36.20 -4.94
C VAL A 61 13.46 -36.82 -5.99
N ALA A 62 12.91 -37.75 -6.78
CA ALA A 62 13.46 -38.01 -8.12
C ALA A 62 12.70 -37.10 -9.08
N GLN A 63 13.41 -36.42 -10.00
CA GLN A 63 14.84 -36.54 -10.19
C GLN A 63 15.44 -35.16 -9.89
N GLN A 64 15.44 -34.81 -8.60
CA GLN A 64 16.06 -33.57 -8.08
C GLN A 64 17.11 -33.81 -7.00
N PRO A 65 18.42 -33.82 -7.36
CA PRO A 65 19.50 -34.03 -6.40
C PRO A 65 19.58 -33.03 -5.24
N GLY A 66 19.30 -33.50 -4.02
CA GLY A 66 19.46 -32.71 -2.80
C GLY A 66 18.14 -32.35 -2.15
N TRP A 67 17.04 -32.66 -2.84
CA TRP A 67 15.70 -32.25 -2.47
C TRP A 67 14.88 -33.41 -1.94
N VAL A 68 13.96 -33.07 -1.03
CA VAL A 68 13.07 -34.03 -0.44
C VAL A 68 11.66 -33.46 -0.35
N THR A 69 10.67 -34.36 -0.34
CA THR A 69 9.34 -34.01 0.14
C THR A 69 9.32 -34.31 1.61
N VAL A 70 8.63 -33.45 2.37
CA VAL A 70 8.42 -33.63 3.81
C VAL A 70 7.06 -34.31 3.99
N ASN A 71 7.09 -35.62 4.22
CA ASN A 71 5.89 -36.45 4.29
C ASN A 71 5.15 -36.27 5.60
N THR A 72 5.91 -36.23 6.71
CA THR A 72 5.38 -35.97 8.03
C THR A 72 6.35 -35.08 8.78
N LEU A 73 5.80 -34.18 9.60
CA LEU A 73 6.58 -33.29 10.43
C LEU A 73 5.68 -32.81 11.54
N VAL A 74 6.07 -33.13 12.78
CA VAL A 74 5.33 -32.76 13.96
C VAL A 74 6.31 -32.18 14.96
N LEU A 75 6.05 -30.94 15.36
CA LEU A 75 6.87 -30.23 16.33
C LEU A 75 6.17 -30.19 17.67
N GLU A 76 6.97 -30.05 18.73
CA GLU A 76 6.50 -30.01 20.10
C GLU A 76 7.36 -29.01 20.86
N ARG A 77 6.76 -28.34 21.85
CA ARG A 77 7.46 -27.35 22.71
C ARG A 77 7.96 -28.08 23.97
N THR B 1 0.18 42.74 -9.62
CA THR B 1 0.33 41.28 -9.85
C THR B 1 -0.89 40.71 -10.59
N VAL B 2 -0.66 39.68 -11.40
CA VAL B 2 -1.64 39.13 -12.35
C VAL B 2 -2.39 37.91 -11.78
N ILE B 3 -2.35 37.73 -10.45
CA ILE B 3 -3.17 36.75 -9.77
C ILE B 3 -4.64 36.97 -10.07
N MET B 4 -5.10 38.21 -9.89
CA MET B 4 -6.51 38.58 -9.99
C MET B 4 -7.03 38.52 -11.43
N ARG B 5 -6.21 38.98 -12.37
CA ARG B 5 -6.55 38.98 -13.83
C ARG B 5 -6.72 37.53 -14.29
N GLU B 6 -5.79 36.64 -13.92
CA GLU B 6 -5.86 35.24 -14.30
C GLU B 6 -7.02 34.51 -13.61
N ALA B 7 -7.29 34.89 -12.36
CA ALA B 7 -8.43 34.36 -11.61
C ALA B 7 -9.73 34.56 -12.39
N ALA B 8 -9.93 35.80 -12.85
CA ALA B 8 -11.11 36.16 -13.62
C ALA B 8 -11.16 35.37 -14.94
N ARG B 9 -10.01 35.22 -15.59
CA ARG B 9 -9.85 34.49 -16.87
C ARG B 9 -10.24 33.00 -16.70
N HIS B 10 -10.20 32.46 -15.48
CA HIS B 10 -10.51 31.05 -15.24
C HIS B 10 -11.78 30.80 -14.42
N GLY B 11 -12.59 31.86 -14.23
CA GLY B 11 -13.88 31.76 -13.59
C GLY B 11 -13.82 31.64 -12.08
N LEU B 12 -14.34 32.64 -11.37
CA LEU B 12 -14.47 32.66 -9.92
C LEU B 12 -13.30 33.40 -9.24
N THR B 13 -13.41 33.59 -7.92
CA THR B 13 -12.95 34.78 -7.24
C THR B 13 -12.00 34.58 -6.07
N ILE B 14 -11.04 35.50 -5.96
CA ILE B 14 -10.22 35.72 -4.77
C ILE B 14 -10.98 36.69 -3.85
N VAL B 15 -11.03 36.34 -2.56
CA VAL B 15 -11.79 37.07 -1.55
C VAL B 15 -10.88 37.86 -0.61
N ARG B 16 -9.76 37.26 -0.21
CA ARG B 16 -8.81 37.83 0.77
C ARG B 16 -7.37 37.56 0.30
N LEU B 17 -6.46 38.51 0.51
CA LEU B 17 -5.14 38.52 -0.11
C LEU B 17 -4.17 39.17 0.87
N GLN B 18 -3.60 38.36 1.77
CA GLN B 18 -2.68 38.85 2.80
C GLN B 18 -1.25 38.35 2.58
N PRO B 19 -0.26 39.24 2.42
CA PRO B 19 1.14 38.83 2.32
C PRO B 19 1.72 38.38 3.67
N GLN B 20 2.81 37.61 3.62
CA GLN B 20 3.67 37.40 4.78
C GLN B 20 5.12 37.31 4.34
N GLY B 21 5.49 38.16 3.36
CA GLY B 21 6.83 38.28 2.82
C GLY B 21 7.13 37.28 1.70
N SER B 22 7.15 37.78 0.45
CA SER B 22 7.40 36.98 -0.76
C SER B 22 6.43 35.80 -0.98
N ARG B 23 5.50 35.60 -0.03
CA ARG B 23 4.40 34.60 -0.10
C ARG B 23 3.07 35.30 0.19
N LEU B 24 2.02 34.90 -0.53
CA LEU B 24 0.68 35.46 -0.42
C LEU B 24 -0.30 34.38 0.04
N SER B 25 -0.99 34.62 1.16
CA SER B 25 -2.03 33.74 1.67
C SER B 25 -3.38 34.16 1.09
N LEU B 26 -4.02 33.27 0.32
CA LEU B 26 -5.27 33.55 -0.36
C LEU B 26 -6.44 32.81 0.27
N THR B 27 -7.60 33.48 0.27
CA THR B 27 -8.88 32.79 0.44
C THR B 27 -9.62 32.89 -0.90
N VAL B 28 -10.12 31.74 -1.37
CA VAL B 28 -10.72 31.58 -2.70
C VAL B 28 -12.08 30.87 -2.57
N GLN B 29 -13.04 31.29 -3.39
CA GLN B 29 -14.38 30.74 -3.33
C GLN B 29 -14.44 29.33 -3.90
N PRO B 30 -15.41 28.49 -3.47
CA PRO B 30 -15.56 27.15 -4.04
C PRO B 30 -15.42 27.23 -5.57
N ALA B 31 -14.64 26.30 -6.14
CA ALA B 31 -14.31 26.33 -7.55
C ALA B 31 -14.37 24.95 -8.18
N ASP B 32 -14.55 24.94 -9.51
CA ASP B 32 -14.30 23.79 -10.33
C ASP B 32 -12.81 23.50 -10.23
N PHE B 33 -12.47 22.28 -9.79
CA PHE B 33 -11.09 21.89 -9.53
C PHE B 33 -10.18 22.02 -10.77
N GLN B 34 -10.71 21.61 -11.92
CA GLN B 34 -9.99 21.70 -13.20
C GLN B 34 -9.60 23.16 -13.49
N ALA B 35 -10.56 24.08 -13.30
CA ALA B 35 -10.34 25.51 -13.50
C ALA B 35 -9.29 26.05 -12.53
N LEU B 36 -9.37 25.61 -11.27
CA LEU B 36 -8.41 25.98 -10.24
C LEU B 36 -7.00 25.59 -10.67
N MET B 37 -6.84 24.37 -11.17
CA MET B 37 -5.51 23.88 -11.55
C MET B 37 -4.98 24.63 -12.77
N ALA B 38 -5.84 24.83 -13.78
CA ALA B 38 -5.53 25.67 -14.94
C ALA B 38 -4.99 27.03 -14.49
N TRP B 39 -5.67 27.63 -13.49
CA TRP B 39 -5.31 28.91 -12.94
C TRP B 39 -3.93 28.88 -12.29
N LEU B 40 -3.72 27.93 -11.37
CA LEU B 40 -2.44 27.79 -10.68
C LEU B 40 -1.31 27.44 -11.63
N ASP B 41 -1.62 26.64 -12.65
CA ASP B 41 -0.60 26.28 -13.61
C ASP B 41 -0.22 27.50 -14.45
N ALA B 42 -1.19 28.38 -14.75
CA ALA B 42 -0.94 29.62 -15.46
C ALA B 42 -0.04 30.53 -14.65
N LEU B 43 -0.37 30.69 -13.36
CA LEU B 43 0.45 31.44 -12.41
C LEU B 43 1.89 30.90 -12.30
N GLY B 44 2.02 29.56 -12.36
CA GLY B 44 3.32 28.89 -12.38
C GLY B 44 4.18 29.34 -13.54
N GLN B 45 3.56 29.50 -14.72
CA GLN B 45 4.23 30.01 -15.91
C GLN B 45 4.62 31.48 -15.73
N ALA B 46 5.93 31.77 -15.85
CA ALA B 46 6.52 33.11 -15.67
C ALA B 46 6.92 33.43 -14.21
N GLY B 47 6.83 32.43 -13.33
CA GLY B 47 7.19 32.58 -11.93
C GLY B 47 6.02 32.15 -11.08
N MET B 48 6.15 32.32 -9.76
CA MET B 48 5.03 32.20 -8.82
C MET B 48 4.32 30.82 -8.73
N THR B 49 4.84 30.01 -7.82
CA THR B 49 4.42 28.62 -7.65
C THR B 49 3.50 28.45 -6.44
N THR B 50 2.76 27.35 -6.42
CA THR B 50 1.92 26.98 -5.29
C THR B 50 2.78 26.37 -4.19
N ALA B 51 2.83 27.04 -3.04
CA ALA B 51 3.60 26.58 -1.87
C ALA B 51 2.80 25.59 -1.03
N THR B 52 1.52 25.93 -0.79
CA THR B 52 0.60 25.13 0.01
C THR B 52 -0.77 25.15 -0.64
N LEU B 53 -1.48 24.03 -0.57
CA LEU B 53 -2.82 23.88 -1.14
C LEU B 53 -3.59 22.77 -0.43
N ALA B 54 -4.71 23.13 0.20
CA ALA B 54 -5.57 22.17 0.89
C ALA B 54 -7.01 22.40 0.46
N VAL B 55 -7.61 21.35 -0.11
CA VAL B 55 -8.96 21.40 -0.68
C VAL B 55 -9.80 20.22 -0.20
N THR B 56 -11.12 20.47 -0.10
CA THR B 56 -12.12 19.46 0.23
C THR B 56 -13.16 19.47 -0.87
N ALA B 57 -13.64 18.28 -1.25
CA ALA B 57 -14.58 18.14 -2.36
C ALA B 57 -16.02 18.28 -1.87
N VAL B 58 -16.48 19.53 -1.71
CA VAL B 58 -17.83 19.86 -1.25
C VAL B 58 -18.92 18.94 -1.79
N ALA B 59 -19.73 18.36 -0.89
CA ALA B 59 -20.69 17.32 -1.22
C ALA B 59 -21.72 17.69 -2.30
N GLN B 60 -22.04 16.73 -3.17
CA GLN B 60 -22.89 16.93 -4.37
C GLN B 60 -22.17 17.81 -5.42
N GLN B 61 -20.94 17.38 -5.74
CA GLN B 61 -20.03 18.10 -6.63
C GLN B 61 -19.53 17.26 -7.81
N PRO B 62 -20.09 17.45 -9.03
CA PRO B 62 -19.43 17.00 -10.25
C PRO B 62 -18.16 17.82 -10.58
N GLY B 63 -17.15 17.77 -9.71
CA GLY B 63 -15.85 18.36 -9.96
C GLY B 63 -15.46 19.57 -9.14
N TRP B 64 -16.22 19.88 -8.09
CA TRP B 64 -16.04 21.12 -7.31
C TRP B 64 -15.41 20.87 -5.94
N VAL B 65 -14.64 21.86 -5.48
CA VAL B 65 -13.92 21.77 -4.20
C VAL B 65 -13.92 23.12 -3.52
N THR B 66 -13.88 23.14 -2.19
CA THR B 66 -13.63 24.35 -1.42
C THR B 66 -12.14 24.40 -1.18
N VAL B 67 -11.58 25.61 -1.23
CA VAL B 67 -10.15 25.87 -1.03
C VAL B 67 -9.95 26.26 0.43
N ASN B 68 -9.47 25.31 1.23
CA ASN B 68 -9.29 25.51 2.67
C ASN B 68 -8.06 26.35 2.98
N THR B 69 -6.95 26.05 2.30
CA THR B 69 -5.70 26.79 2.43
C THR B 69 -5.04 26.91 1.07
N LEU B 70 -4.36 28.05 0.86
CA LEU B 70 -3.63 28.32 -0.37
C LEU B 70 -2.61 29.41 -0.10
N VAL B 71 -1.34 29.09 -0.35
CA VAL B 71 -0.24 30.03 -0.19
C VAL B 71 0.64 29.93 -1.43
N LEU B 72 0.86 31.06 -2.08
CA LEU B 72 1.72 31.17 -3.26
C LEU B 72 3.05 31.79 -2.85
N GLU B 73 4.11 31.48 -3.60
CA GLU B 73 5.45 31.99 -3.35
C GLU B 73 6.09 32.36 -4.68
N ARG B 74 6.87 33.45 -4.66
CA ARG B 74 7.50 34.12 -5.83
C ARG B 74 6.43 34.89 -6.61
N GLU C 1 -10.11 -24.07 4.50
CA GLU C 1 -9.19 -23.87 5.67
C GLU C 1 -8.40 -22.57 5.51
N PRO C 2 -8.73 -21.50 6.28
CA PRO C 2 -8.30 -20.13 5.93
C PRO C 2 -6.79 -19.90 5.89
N SER C 3 -6.05 -20.34 6.92
CA SER C 3 -4.61 -20.13 6.98
C SER C 3 -3.91 -20.80 5.81
N THR C 4 -4.39 -21.98 5.41
CA THR C 4 -3.77 -22.77 4.35
C THR C 4 -3.88 -22.08 2.99
N VAL C 5 -5.08 -21.55 2.68
CA VAL C 5 -5.34 -20.87 1.41
C VAL C 5 -4.53 -19.57 1.32
N ILE C 6 -4.42 -18.87 2.45
CA ILE C 6 -3.63 -17.64 2.52
C ILE C 6 -2.18 -17.93 2.14
N MET C 7 -1.61 -18.95 2.79
CA MET C 7 -0.21 -19.32 2.63
C MET C 7 0.14 -19.88 1.26
N ARG C 8 -0.75 -20.71 0.72
CA ARG C 8 -0.59 -21.34 -0.62
C ARG C 8 -0.61 -20.24 -1.68
N GLU C 9 -1.54 -19.28 -1.59
CA GLU C 9 -1.61 -18.18 -2.54
C GLU C 9 -0.43 -17.21 -2.38
N ALA C 10 0.02 -17.02 -1.15
CA ALA C 10 1.20 -16.20 -0.87
C ALA C 10 2.40 -16.72 -1.67
N ALA C 11 2.63 -18.04 -1.59
CA ALA C 11 3.72 -18.69 -2.28
C ALA C 11 3.56 -18.55 -3.79
N ARG C 12 2.32 -18.70 -4.28
CA ARG C 12 1.96 -18.58 -5.73
C ARG C 12 2.29 -17.17 -6.26
N HIS C 13 2.38 -16.15 -5.39
CA HIS C 13 2.64 -14.78 -5.81
C HIS C 13 4.02 -14.24 -5.37
N GLY C 14 4.89 -15.13 -4.89
CA GLY C 14 6.26 -14.79 -4.56
C GLY C 14 6.43 -14.08 -3.23
N LEU C 15 5.41 -14.12 -2.38
CA LEU C 15 5.43 -13.46 -1.09
C LEU C 15 5.73 -14.42 0.04
N THR C 16 6.25 -13.87 1.14
CA THR C 16 6.63 -14.58 2.33
C THR C 16 5.87 -14.06 3.56
N ILE C 17 5.10 -14.94 4.19
CA ILE C 17 4.39 -14.65 5.43
C ILE C 17 5.30 -15.04 6.59
N VAL C 18 5.41 -14.15 7.58
CA VAL C 18 6.26 -14.31 8.75
C VAL C 18 5.45 -14.58 10.01
N ARG C 19 4.29 -13.93 10.13
CA ARG C 19 3.38 -14.01 11.31
C ARG C 19 1.95 -14.14 10.80
N LEU C 20 1.14 -14.98 11.44
CA LEU C 20 -0.25 -15.16 11.10
C LEU C 20 -1.04 -15.36 12.39
N GLN C 21 -1.42 -14.25 13.03
CA GLN C 21 -2.07 -14.26 14.34
C GLN C 21 -3.50 -13.75 14.30
N PRO C 22 -4.49 -14.57 14.72
CA PRO C 22 -5.88 -14.13 14.74
C PRO C 22 -6.18 -13.11 15.85
N GLN C 23 -7.22 -12.31 15.64
CA GLN C 23 -7.87 -11.50 16.64
C GLN C 23 -9.22 -12.16 16.91
N GLY C 24 -9.92 -12.53 15.83
CA GLY C 24 -11.01 -13.50 15.80
C GLY C 24 -11.29 -13.87 14.34
N SER C 25 -12.47 -13.46 13.83
CA SER C 25 -12.84 -13.57 12.39
C SER C 25 -11.87 -12.82 11.45
N ARG C 26 -10.84 -12.21 12.02
CA ARG C 26 -9.79 -11.42 11.31
C ARG C 26 -8.41 -11.91 11.70
N LEU C 27 -7.50 -11.94 10.73
CA LEU C 27 -6.12 -12.39 10.90
C LEU C 27 -5.15 -11.23 10.60
N SER C 28 -4.26 -10.95 11.55
CA SER C 28 -3.21 -9.96 11.38
C SER C 28 -1.96 -10.63 10.80
N LEU C 29 -1.54 -10.17 9.62
CA LEU C 29 -0.42 -10.77 8.91
C LEU C 29 0.80 -9.86 8.90
N THR C 30 1.98 -10.47 9.06
CA THR C 30 3.24 -9.78 8.87
C THR C 30 3.90 -10.37 7.62
N VAL C 31 4.28 -9.48 6.69
CA VAL C 31 4.71 -9.84 5.34
C VAL C 31 6.02 -9.16 4.99
N GLN C 32 6.91 -9.90 4.32
CA GLN C 32 8.21 -9.37 3.96
C GLN C 32 8.14 -8.41 2.78
N PRO C 33 9.12 -7.50 2.62
CA PRO C 33 9.07 -6.52 1.54
C PRO C 33 8.61 -7.20 0.24
N ALA C 34 7.68 -6.57 -0.47
CA ALA C 34 7.07 -7.16 -1.64
C ALA C 34 6.93 -6.20 -2.80
N ASP C 35 6.91 -6.78 -4.00
CA ASP C 35 6.51 -6.12 -5.22
C ASP C 35 5.04 -5.82 -5.03
N PHE C 36 4.69 -4.54 -5.14
CA PHE C 36 3.34 -4.08 -4.83
C PHE C 36 2.26 -4.76 -5.70
N GLN C 37 2.59 -4.92 -6.99
CA GLN C 37 1.70 -5.56 -7.94
C GLN C 37 1.36 -6.98 -7.52
N ALA C 38 2.39 -7.72 -7.09
CA ALA C 38 2.26 -9.10 -6.61
C ALA C 38 1.39 -9.15 -5.36
N LEU C 39 1.63 -8.20 -4.45
CA LEU C 39 0.83 -8.07 -3.23
C LEU C 39 -0.65 -7.92 -3.56
N MET C 40 -0.96 -7.04 -4.52
CA MET C 40 -2.35 -6.76 -4.87
C MET C 40 -3.00 -7.98 -5.55
N ALA C 41 -2.28 -8.59 -6.49
CA ALA C 41 -2.70 -9.84 -7.11
C ALA C 41 -3.05 -10.89 -6.04
N TRP C 42 -2.21 -10.98 -5.01
CA TRP C 42 -2.41 -11.90 -3.91
C TRP C 42 -3.69 -11.60 -3.15
N LEU C 43 -3.82 -10.35 -2.70
CA LEU C 43 -5.01 -9.91 -1.96
C LEU C 43 -6.28 -10.02 -2.79
N ASP C 44 -6.16 -9.76 -4.09
CA ASP C 44 -7.29 -9.86 -4.98
C ASP C 44 -7.73 -11.32 -5.11
N ALA C 45 -6.76 -12.23 -5.15
CA ALA C 45 -7.02 -13.67 -5.22
C ALA C 45 -7.77 -14.12 -3.97
N LEU C 46 -7.24 -13.71 -2.81
CA LEU C 46 -7.88 -14.00 -1.53
C LEU C 46 -9.32 -13.44 -1.43
N GLY C 47 -9.54 -12.26 -2.04
CA GLY C 47 -10.85 -11.63 -2.12
C GLY C 47 -11.86 -12.53 -2.82
N GLN C 48 -11.41 -13.16 -3.91
CA GLN C 48 -12.23 -14.10 -4.66
C GLN C 48 -12.54 -15.35 -3.85
N ALA C 49 -11.69 -15.69 -2.88
CA ALA C 49 -11.88 -16.85 -2.00
C ALA C 49 -12.62 -16.55 -0.69
N GLY C 50 -13.09 -15.30 -0.52
CA GLY C 50 -13.93 -14.92 0.60
C GLY C 50 -13.26 -14.31 1.82
N MET C 51 -11.96 -13.98 1.70
CA MET C 51 -11.22 -13.22 2.68
C MET C 51 -10.92 -11.86 2.07
N THR C 52 -11.57 -10.80 2.59
CA THR C 52 -11.39 -9.45 2.11
C THR C 52 -10.38 -8.68 2.96
N THR C 53 -9.74 -7.70 2.33
CA THR C 53 -8.74 -6.87 2.98
C THR C 53 -9.45 -5.84 3.85
N ALA C 54 -9.24 -5.94 5.16
CA ALA C 54 -9.86 -5.09 6.17
C ALA C 54 -9.01 -3.85 6.38
N THR C 55 -7.69 -4.06 6.49
CA THR C 55 -6.72 -3.00 6.66
C THR C 55 -5.48 -3.30 5.83
N LEU C 56 -4.89 -2.25 5.26
CA LEU C 56 -3.65 -2.36 4.51
C LEU C 56 -2.87 -1.05 4.56
N ALA C 57 -1.66 -1.10 5.12
CA ALA C 57 -0.77 0.06 5.15
C ALA C 57 0.60 -0.36 4.62
N VAL C 58 1.03 0.32 3.55
CA VAL C 58 2.29 0.07 2.91
C VAL C 58 3.07 1.36 2.68
N THR C 59 4.41 1.25 2.73
CA THR C 59 5.34 2.33 2.46
C THR C 59 6.28 1.86 1.36
N ALA C 60 6.62 2.75 0.43
CA ALA C 60 7.54 2.42 -0.63
C ALA C 60 8.94 2.24 -0.06
N VAL C 61 9.64 1.24 -0.60
CA VAL C 61 11.08 1.10 -0.42
C VAL C 61 11.75 2.10 -1.35
N ALA C 62 12.47 3.04 -0.75
CA ALA C 62 12.90 4.25 -1.47
C ALA C 62 13.90 4.00 -2.60
N GLN C 63 14.70 2.93 -2.50
CA GLN C 63 15.72 2.58 -3.49
C GLN C 63 15.26 1.49 -4.48
N GLN C 64 14.03 0.95 -4.32
CA GLN C 64 13.48 -0.12 -5.14
C GLN C 64 12.15 0.23 -5.79
N PRO C 65 12.14 0.69 -7.05
CA PRO C 65 10.98 1.32 -7.68
C PRO C 65 9.57 0.71 -7.56
N GLY C 66 9.41 -0.62 -7.47
CA GLY C 66 8.06 -1.20 -7.47
C GLY C 66 7.63 -1.83 -6.15
N TRP C 67 8.49 -1.64 -5.14
CA TRP C 67 8.46 -2.42 -3.90
C TRP C 67 7.99 -1.59 -2.72
N VAL C 68 7.39 -2.29 -1.75
CA VAL C 68 6.89 -1.69 -0.55
C VAL C 68 7.20 -2.57 0.65
N THR C 69 7.30 -1.96 1.85
CA THR C 69 7.18 -2.69 3.10
C THR C 69 5.71 -2.70 3.47
N VAL C 70 5.25 -3.84 4.01
CA VAL C 70 3.89 -4.01 4.49
C VAL C 70 3.86 -3.70 5.98
N ASN C 71 3.36 -2.52 6.32
CA ASN C 71 3.31 -2.06 7.70
C ASN C 71 2.20 -2.72 8.49
N THR C 72 1.01 -2.79 7.89
CA THR C 72 -0.17 -3.43 8.48
C THR C 72 -0.95 -4.15 7.40
N LEU C 73 -1.54 -5.29 7.78
CA LEU C 73 -2.39 -6.08 6.91
C LEU C 73 -3.28 -6.93 7.78
N VAL C 74 -4.59 -6.75 7.63
CA VAL C 74 -5.58 -7.50 8.37
C VAL C 74 -6.63 -7.97 7.39
N LEU C 75 -6.85 -9.29 7.37
CA LEU C 75 -7.88 -9.91 6.55
C LEU C 75 -9.07 -10.29 7.42
N GLU C 76 -10.26 -10.35 6.80
CA GLU C 76 -11.51 -10.68 7.47
C GLU C 76 -12.32 -11.57 6.53
N ARG C 77 -13.12 -12.48 7.09
CA ARG C 77 -13.98 -13.39 6.29
C ARG C 77 -15.39 -12.78 6.16
N PRO D 1 -15.27 -5.30 -6.50
CA PRO D 1 -14.40 -4.72 -5.45
C PRO D 1 -13.72 -3.43 -5.94
N ALA D 2 -14.52 -2.42 -6.31
CA ALA D 2 -14.05 -1.14 -6.86
C ALA D 2 -13.04 -0.40 -5.96
N LEU D 3 -13.06 -0.70 -4.65
CA LEU D 3 -12.13 -0.15 -3.68
C LEU D 3 -10.72 -0.79 -3.79
N ILE D 4 -10.57 -2.05 -3.35
CA ILE D 4 -9.29 -2.76 -3.37
C ILE D 4 -8.68 -2.87 -4.78
N SER D 5 -9.48 -3.34 -5.73
CA SER D 5 -8.99 -3.83 -7.02
C SER D 5 -8.36 -2.74 -7.87
N ARG D 6 -8.73 -1.49 -7.58
CA ARG D 6 -8.25 -0.30 -8.34
C ARG D 6 -6.88 0.15 -7.80
N LEU D 7 -6.42 -0.40 -6.67
CA LEU D 7 -5.00 -0.27 -6.27
C LEU D 7 -4.18 -1.14 -7.19
N GLY D 8 -3.00 -0.62 -7.60
CA GLY D 8 -2.10 -1.38 -8.45
C GLY D 8 -1.80 -0.59 -9.69
N ALA D 9 -2.73 -0.61 -10.64
CA ALA D 9 -2.70 0.31 -11.78
C ALA D 9 -2.62 1.75 -11.24
N LEU D 10 -3.49 2.05 -10.26
CA LEU D 10 -3.43 3.27 -9.47
C LEU D 10 -2.02 3.57 -8.96
N GLN D 11 -1.35 2.55 -8.39
CA GLN D 11 0.04 2.65 -7.98
C GLN D 11 0.98 2.90 -9.17
N GLN D 12 0.77 2.13 -10.25
CA GLN D 12 1.67 2.14 -11.41
C GLN D 12 1.61 3.48 -12.16
N ILE D 13 0.42 3.87 -12.64
CA ILE D 13 0.31 5.08 -13.46
C ILE D 13 0.77 6.32 -12.69
N ILE D 14 0.72 6.27 -11.35
CA ILE D 14 1.34 7.27 -10.50
C ILE D 14 2.86 7.17 -10.60
N ASP D 15 3.40 5.97 -10.35
CA ASP D 15 4.85 5.75 -10.34
C ASP D 15 5.47 5.88 -11.75
N ASP D 16 4.63 5.74 -12.78
CA ASP D 16 5.04 5.84 -14.18
C ASP D 16 5.20 7.28 -14.68
N THR D 17 4.54 8.24 -14.01
CA THR D 17 4.59 9.64 -14.41
C THR D 17 5.96 10.23 -14.10
N PRO D 18 6.71 10.70 -15.12
CA PRO D 18 8.03 11.30 -14.89
C PRO D 18 7.96 12.44 -13.86
N GLY D 19 8.45 12.19 -12.64
CA GLY D 19 8.66 13.22 -11.64
C GLY D 19 8.24 12.90 -10.21
N ILE D 20 7.27 12.00 -10.05
CA ILE D 20 6.64 11.74 -8.76
C ILE D 20 6.63 10.25 -8.45
N ARG D 21 6.23 9.90 -7.22
CA ARG D 21 6.18 8.49 -6.75
C ARG D 21 5.25 8.33 -5.54
N LEU D 22 4.35 7.34 -5.62
CA LEU D 22 3.55 6.86 -4.48
C LEU D 22 4.49 6.42 -3.37
N ARG D 23 4.40 7.09 -2.23
CA ARG D 23 5.30 6.90 -1.05
C ARG D 23 4.63 6.04 0.02
N THR D 24 3.30 6.15 0.14
CA THR D 24 2.57 5.60 1.27
C THR D 24 1.13 5.43 0.88
N LEU D 25 0.53 4.31 1.32
CA LEU D 25 -0.85 4.00 1.02
C LEU D 25 -1.51 3.29 2.20
N SER D 26 -2.73 3.71 2.53
CA SER D 26 -3.52 3.17 3.65
C SER D 26 -4.99 2.97 3.28
N PHE D 27 -5.51 1.80 3.63
CA PHE D 27 -6.90 1.43 3.39
C PHE D 27 -7.48 0.89 4.68
N ASP D 28 -8.68 1.36 5.05
CA ASP D 28 -9.46 0.82 6.17
C ASP D 28 -10.90 0.63 5.71
N ALA D 29 -11.29 -0.65 5.54
CA ALA D 29 -12.60 -1.02 5.01
C ALA D 29 -13.71 -0.46 5.89
N ALA D 30 -13.52 -0.64 7.21
CA ALA D 30 -14.47 -0.21 8.25
C ALA D 30 -14.75 1.28 8.19
N ARG D 31 -13.69 2.08 8.07
CA ARG D 31 -13.75 3.57 8.05
C ARG D 31 -13.95 4.08 6.61
N ASN D 32 -14.18 3.19 5.65
CA ASN D 32 -14.01 3.46 4.21
C ASN D 32 -13.12 4.68 3.92
N ALA D 33 -11.81 4.50 4.04
CA ALA D 33 -10.83 5.56 3.84
C ALA D 33 -9.57 5.02 3.18
N LEU D 34 -9.30 5.49 1.96
CA LEU D 34 -8.06 5.25 1.24
C LEU D 34 -7.16 6.51 1.26
N GLN D 35 -6.18 6.53 2.18
CA GLN D 35 -5.23 7.63 2.30
C GLN D 35 -4.02 7.37 1.41
N LEU D 36 -3.79 8.24 0.42
CA LEU D 36 -2.59 8.19 -0.40
C LEU D 36 -1.62 9.28 -0.04
N GLU D 37 -0.36 9.08 -0.42
CA GLU D 37 0.74 9.95 -0.06
C GLU D 37 1.72 9.90 -1.21
N ILE D 38 1.69 10.91 -2.08
CA ILE D 38 2.55 10.96 -3.24
C ILE D 38 3.66 11.97 -2.98
N SER D 39 4.86 11.63 -3.44
CA SER D 39 6.06 12.41 -3.18
C SER D 39 6.69 12.81 -4.50
N ALA D 40 7.48 13.89 -4.43
CA ALA D 40 8.28 14.39 -5.55
C ALA D 40 9.69 13.81 -5.45
N VAL D 41 10.30 13.58 -6.61
CA VAL D 41 11.72 13.25 -6.72
C VAL D 41 12.39 14.20 -7.74
N SER D 42 11.96 15.47 -7.70
CA SER D 42 12.40 16.54 -8.60
C SER D 42 12.16 17.92 -7.93
N SER D 43 11.59 18.90 -8.66
CA SER D 43 11.33 20.27 -8.15
C SER D 43 10.10 21.19 -8.37
N GLN D 44 9.24 20.80 -9.32
CA GLN D 44 7.86 21.32 -9.46
C GLN D 44 6.95 20.37 -10.27
N ALA D 45 7.21 19.06 -10.18
CA ALA D 45 6.54 18.06 -10.99
C ALA D 45 5.25 17.56 -10.34
N LEU D 46 5.01 18.00 -9.10
CA LEU D 46 3.89 17.51 -8.30
C LEU D 46 2.61 18.29 -8.58
N GLU D 47 2.74 19.43 -9.28
CA GLU D 47 1.64 20.28 -9.71
C GLU D 47 1.35 20.08 -11.18
N GLN D 48 2.43 20.02 -11.98
CA GLN D 48 2.36 19.76 -13.41
C GLN D 48 1.68 18.43 -13.67
N PHE D 49 2.35 17.34 -13.29
CA PHE D 49 1.85 15.98 -13.46
C PHE D 49 0.91 15.66 -12.29
N SER D 50 -0.24 16.32 -12.26
CA SER D 50 -1.22 16.16 -11.19
C SER D 50 -2.64 16.46 -11.63
N GLN D 51 -2.85 17.63 -12.24
CA GLN D 51 -4.17 18.05 -12.78
C GLN D 51 -4.81 16.87 -13.50
N ARG D 52 -4.01 16.29 -14.41
CA ARG D 52 -4.27 15.03 -15.16
C ARG D 52 -4.94 13.99 -14.26
N ALA D 53 -4.36 13.71 -13.09
CA ALA D 53 -4.66 12.53 -12.26
C ALA D 53 -6.09 12.47 -11.70
N ARG D 54 -6.76 13.63 -11.65
CA ARG D 54 -8.13 13.79 -11.09
C ARG D 54 -9.15 13.58 -12.20
N ALA D 55 -8.69 13.22 -13.40
CA ALA D 55 -9.51 12.64 -14.45
C ALA D 55 -9.54 11.11 -14.30
N ARG D 56 -8.45 10.52 -13.78
CA ARG D 56 -8.30 9.06 -13.54
C ARG D 56 -9.28 8.60 -12.44
N PHE D 57 -9.30 9.27 -11.29
CA PHE D 57 -10.38 9.13 -10.34
C PHE D 57 -11.67 9.65 -11.00
N ARG D 58 -12.81 9.09 -10.60
CA ARG D 58 -14.17 9.38 -11.15
C ARG D 58 -14.22 8.85 -12.59
N VAL D 59 -13.83 7.58 -12.78
CA VAL D 59 -14.15 6.79 -13.97
C VAL D 59 -14.27 5.30 -13.59
N GLN D 60 -14.88 5.03 -12.42
CA GLN D 60 -15.05 3.67 -11.91
C GLN D 60 -16.10 3.52 -10.79
N THR D 61 -15.97 4.36 -9.75
CA THR D 61 -16.67 4.27 -8.46
C THR D 61 -15.65 4.80 -7.44
N GLY D 62 -15.55 6.14 -7.37
CA GLY D 62 -14.49 6.83 -6.65
C GLY D 62 -14.88 7.18 -5.23
N GLU D 63 -14.00 7.92 -4.56
CA GLU D 63 -14.09 8.16 -3.11
C GLU D 63 -13.53 9.52 -2.62
N MET D 64 -13.22 10.43 -3.55
CA MET D 64 -12.38 11.61 -3.29
C MET D 64 -12.94 12.59 -2.26
N LYS D 65 -12.24 12.74 -1.13
CA LYS D 65 -12.55 13.75 -0.10
C LYS D 65 -11.57 14.91 -0.19
N PRO D 66 -10.55 15.10 0.69
CA PRO D 66 -9.60 16.19 0.53
C PRO D 66 -8.29 15.80 -0.19
N ARG D 67 -7.50 16.82 -0.53
CA ARG D 67 -6.17 16.72 -1.18
C ARG D 67 -5.28 17.83 -0.62
N ALA D 68 -4.41 17.51 0.33
CA ALA D 68 -3.49 18.48 0.92
C ALA D 68 -2.10 18.38 0.28
N ASP D 69 -1.56 19.54 -0.10
CA ASP D 69 -0.21 19.70 -0.68
C ASP D 69 0.55 20.71 0.18
N GLY D 70 1.70 20.29 0.72
CA GLY D 70 2.48 21.08 1.66
C GLY D 70 3.95 21.11 1.32
N ILE D 71 4.25 21.09 0.02
CA ILE D 71 5.61 21.14 -0.54
C ILE D 71 6.73 20.71 0.42
N GLU D 72 6.59 19.47 0.93
CA GLU D 72 7.69 18.72 1.52
C GLU D 72 7.88 17.51 0.62
N GLY D 73 8.00 17.77 -0.69
CA GLY D 73 7.82 16.78 -1.73
C GLY D 73 6.67 15.92 -1.27
N ARG D 74 5.52 16.56 -1.02
CA ARG D 74 4.40 15.98 -0.23
C ARG D 74 3.03 16.31 -0.87
N LEU D 75 2.18 15.28 -1.03
CA LEU D 75 0.82 15.43 -1.52
C LEU D 75 0.01 14.32 -0.89
N THR D 76 -0.98 14.71 -0.07
CA THR D 76 -1.80 13.78 0.73
C THR D 76 -3.25 13.70 0.21
N LEU D 77 -3.55 12.61 -0.51
CA LEU D 77 -4.88 12.31 -1.01
C LEU D 77 -5.69 11.50 -0.01
N GLU D 78 -7.01 11.67 -0.07
CA GLU D 78 -7.95 10.79 0.59
C GLU D 78 -9.04 10.40 -0.39
N GLY D 79 -9.18 9.09 -0.63
CA GLY D 79 -10.30 8.48 -1.31
C GLY D 79 -11.17 7.78 -0.28
N ALA D 80 -12.01 8.55 0.42
CA ALA D 80 -12.89 8.04 1.47
C ALA D 80 -14.34 8.01 1.02
#